data_4NKI
#
_entry.id   4NKI
#
_cell.length_a   115.944
_cell.length_b   115.944
_cell.length_c   78.920
_cell.angle_alpha   90.00
_cell.angle_beta   90.00
_cell.angle_gamma   90.00
#
_symmetry.space_group_name_H-M   'P 43 2 2'
#
loop_
_entity.id
_entity.type
_entity.pdbx_description
1 polymer 'Fab light chain'
2 polymer 'Fab heavy chain'
3 non-polymer 1,2-ETHANEDIOL
4 water water
#
loop_
_entity_poly.entity_id
_entity_poly.type
_entity_poly.pdbx_seq_one_letter_code
_entity_poly.pdbx_strand_id
1 'polypeptide(L)'
;EVQLLESGGGLVQPGGSLRLSCAASGFTFSSYIMMWVRQAPGKGLEWVSSIYPSGGITFYADTVKGRFTISRDNSKNTLY
LQMNSLRAEDTAVYYCARIKLGTVTTVDYWGQGTLVTVSSASTKGPSVFPLAPSSKSTSGGTAALGCLVKDYFPEPVTVS
WNSGALTSGVHTFPAVLQSSGLYSLSSVVTVPSSSLGTQTYICNVNHKPSNTKVDKRVEPKSCAAAHHHHHH
;
H
2 'polypeptide(L)'
;QSALTQPASVSGSPGQSITISCTGTSSDVGGYNYVSWYQQHPGKAPKLMIYDVSNRPSGVSNRFSGSKSGNTASLTISGL
QAEDEADYYCSSYTSSSTRVFGTGTKVTVLGQPKANPTVTLFPPSSEELQANKATLVCLISDFYPGAVTVAWKADGSPVK
AGVETTKPSKQSNNKYAASSYLSLTPEQWKSHRSYSCQVTHEGSTVEKTVAPTECS
;
L
#
# COMPACT_ATOMS: atom_id res chain seq x y z
N GLU A 1 15.99 13.49 -11.19
CA GLU A 1 17.07 13.32 -12.17
C GLU A 1 16.78 12.10 -13.06
N VAL A 2 17.06 10.85 -12.57
CA VAL A 2 16.69 9.64 -13.29
C VAL A 2 15.18 9.50 -13.13
N GLN A 3 14.48 9.38 -14.26
CA GLN A 3 13.04 9.26 -14.31
C GLN A 3 12.57 7.97 -15.01
N LEU A 4 11.65 7.22 -14.36
CA LEU A 4 11.07 6.00 -14.91
C LEU A 4 9.59 6.01 -14.63
N LEU A 5 8.81 6.57 -15.57
CA LEU A 5 7.37 6.78 -15.44
C LEU A 5 6.49 5.80 -16.20
N GLU A 6 5.87 4.87 -15.46
CA GLU A 6 4.98 3.86 -16.04
C GLU A 6 3.58 4.41 -16.27
N SER A 7 2.88 3.84 -17.26
CA SER A 7 1.51 4.13 -17.63
C SER A 7 0.94 2.91 -18.38
N GLY A 8 -0.39 2.88 -18.53
CA GLY A 8 -1.11 1.83 -19.23
C GLY A 8 -1.78 0.78 -18.37
N GLY A 9 -1.56 0.82 -17.07
CA GLY A 9 -2.14 -0.14 -16.16
C GLY A 9 -3.63 0.09 -15.99
N GLY A 10 -4.28 -0.79 -15.27
CA GLY A 10 -5.71 -0.66 -15.03
C GLY A 10 -6.41 -1.97 -14.81
N LEU A 11 -7.73 -1.90 -14.84
CA LEU A 11 -8.62 -3.02 -14.65
C LEU A 11 -8.85 -3.60 -16.00
N VAL A 12 -8.91 -4.94 -16.05
CA VAL A 12 -9.13 -5.71 -17.28
C VAL A 12 -9.75 -7.05 -16.90
N GLN A 13 -10.62 -7.55 -17.76
CA GLN A 13 -11.29 -8.84 -17.59
C GLN A 13 -10.30 -9.97 -17.85
N PRO A 14 -10.47 -11.16 -17.20
CA PRO A 14 -9.61 -12.31 -17.54
C PRO A 14 -9.70 -12.61 -19.04
N GLY A 15 -8.56 -12.87 -19.66
CA GLY A 15 -8.48 -13.13 -21.10
C GLY A 15 -8.22 -11.87 -21.91
N GLY A 16 -8.33 -10.74 -21.22
CA GLY A 16 -8.06 -9.42 -21.76
C GLY A 16 -6.58 -9.16 -21.95
N SER A 17 -6.30 -7.98 -22.46
CA SER A 17 -4.99 -7.53 -22.83
C SER A 17 -4.70 -6.10 -22.35
N LEU A 18 -3.42 -5.72 -22.24
CA LEU A 18 -2.96 -4.38 -21.84
C LEU A 18 -1.56 -4.18 -22.40
N ARG A 19 -1.19 -2.93 -22.69
CA ARG A 19 0.17 -2.55 -23.06
C ARG A 19 0.66 -1.51 -22.06
N LEU A 20 1.72 -1.86 -21.31
CA LEU A 20 2.36 -0.97 -20.34
C LEU A 20 3.46 -0.19 -21.03
N SER A 21 3.70 1.04 -20.58
CA SER A 21 4.75 1.90 -21.09
C SER A 21 5.57 2.43 -19.92
N CYS A 22 6.84 2.73 -20.17
CA CYS A 22 7.73 3.32 -19.21
C CYS A 22 8.53 4.37 -19.95
N ALA A 23 8.26 5.63 -19.59
CA ALA A 23 8.89 6.83 -20.15
C ALA A 23 10.11 7.10 -19.34
N ALA A 24 11.27 7.11 -20.00
CA ALA A 24 12.54 7.35 -19.33
C ALA A 24 13.18 8.69 -19.73
N SER A 25 13.99 9.23 -18.79
CA SER A 25 14.77 10.46 -18.90
C SER A 25 15.81 10.57 -17.78
N GLY A 26 16.81 11.41 -18.01
CA GLY A 26 17.88 11.69 -17.05
C GLY A 26 19.10 10.83 -17.25
N PHE A 27 19.05 9.88 -18.20
CA PHE A 27 20.16 8.97 -18.49
C PHE A 27 20.14 8.56 -19.97
N THR A 28 21.27 7.98 -20.45
CA THR A 28 21.42 7.47 -21.82
C THR A 28 20.70 6.12 -21.92
N PHE A 29 19.35 6.15 -22.08
CA PHE A 29 18.43 5.02 -22.17
C PHE A 29 18.97 3.84 -22.97
N SER A 30 19.48 4.11 -24.16
CA SER A 30 19.97 3.13 -25.12
C SER A 30 21.17 2.29 -24.64
N SER A 31 21.91 2.72 -23.60
CA SER A 31 23.05 1.91 -23.12
C SER A 31 22.70 1.02 -21.94
N TYR A 32 21.42 0.94 -21.54
CA TYR A 32 21.01 0.13 -20.39
C TYR A 32 20.14 -1.08 -20.66
N ILE A 33 20.29 -2.10 -19.82
CA ILE A 33 19.38 -3.26 -19.81
C ILE A 33 18.18 -2.74 -19.02
N MET A 34 16.97 -3.02 -19.54
CA MET A 34 15.70 -2.63 -18.91
C MET A 34 14.91 -3.87 -18.51
N MET A 35 14.12 -3.75 -17.45
CA MET A 35 13.41 -4.87 -16.84
C MET A 35 12.06 -4.45 -16.32
N TRP A 36 11.17 -5.42 -16.23
CA TRP A 36 9.85 -5.33 -15.62
C TRP A 36 9.89 -6.34 -14.45
N VAL A 37 9.44 -5.90 -13.28
CA VAL A 37 9.31 -6.68 -12.05
C VAL A 37 7.87 -6.44 -11.60
N ARG A 38 7.20 -7.46 -11.07
CA ARG A 38 5.86 -7.31 -10.56
C ARG A 38 5.78 -7.74 -9.09
N GLN A 39 4.70 -7.32 -8.46
CA GLN A 39 4.44 -7.59 -7.07
C GLN A 39 2.95 -7.69 -6.89
N ALA A 40 2.44 -8.90 -6.67
CA ALA A 40 1.01 -9.13 -6.40
C ALA A 40 0.71 -8.47 -5.05
N PRO A 41 -0.52 -7.95 -4.76
CA PRO A 41 -0.75 -7.25 -3.48
C PRO A 41 -0.44 -8.06 -2.23
N GLY A 42 0.31 -7.44 -1.32
CA GLY A 42 0.78 -8.09 -0.09
C GLY A 42 1.75 -9.24 -0.30
N LYS A 43 2.26 -9.42 -1.55
CA LYS A 43 3.20 -10.51 -1.89
C LYS A 43 4.62 -10.01 -2.26
N GLY A 44 5.48 -10.94 -2.64
CA GLY A 44 6.87 -10.69 -2.97
C GLY A 44 7.13 -10.16 -4.36
N LEU A 45 8.40 -9.77 -4.61
CA LEU A 45 8.88 -9.27 -5.91
C LEU A 45 9.06 -10.46 -6.86
N GLU A 46 8.71 -10.25 -8.12
CA GLU A 46 8.80 -11.29 -9.16
C GLU A 46 9.28 -10.71 -10.49
N TRP A 47 10.41 -11.19 -10.99
CA TRP A 47 10.95 -10.77 -12.28
C TRP A 47 10.02 -11.23 -13.42
N VAL A 48 9.72 -10.34 -14.36
CA VAL A 48 8.84 -10.65 -15.47
C VAL A 48 9.61 -10.89 -16.76
N SER A 49 10.39 -9.90 -17.16
CA SER A 49 11.11 -9.90 -18.42
C SER A 49 12.25 -8.88 -18.41
N SER A 50 13.25 -9.10 -19.28
CA SER A 50 14.38 -8.18 -19.48
C SER A 50 14.61 -7.91 -20.97
N ILE A 51 15.21 -6.77 -21.29
CA ILE A 51 15.52 -6.41 -22.67
C ILE A 51 16.91 -5.73 -22.73
N TYR A 52 17.80 -6.24 -23.60
CA TYR A 52 19.14 -5.70 -23.75
C TYR A 52 19.15 -4.35 -24.47
N PRO A 53 20.23 -3.54 -24.28
CA PRO A 53 20.28 -2.19 -24.88
C PRO A 53 19.75 -2.02 -26.32
N SER A 54 20.22 -2.83 -27.27
CA SER A 54 19.79 -2.74 -28.67
C SER A 54 18.37 -3.25 -28.93
N GLY A 55 17.83 -4.03 -27.97
CA GLY A 55 16.49 -4.62 -28.06
C GLY A 55 16.41 -5.97 -28.75
N GLY A 56 17.57 -6.54 -29.10
CA GLY A 56 17.71 -7.80 -29.82
C GLY A 56 17.66 -9.05 -28.96
N ILE A 57 18.15 -8.94 -27.70
CA ILE A 57 18.18 -10.03 -26.73
C ILE A 57 17.12 -9.74 -25.65
N THR A 58 16.19 -10.69 -25.46
CA THR A 58 15.12 -10.59 -24.46
C THR A 58 15.08 -11.84 -23.63
N PHE A 59 14.54 -11.75 -22.41
CA PHE A 59 14.41 -12.89 -21.48
C PHE A 59 13.07 -12.81 -20.83
N TYR A 60 12.50 -13.95 -20.44
CA TYR A 60 11.18 -14.01 -19.83
C TYR A 60 11.08 -15.00 -18.70
N ALA A 61 10.22 -14.69 -17.70
CA ALA A 61 9.91 -15.60 -16.62
C ALA A 61 9.00 -16.66 -17.26
N ASP A 62 9.14 -17.95 -16.90
CA ASP A 62 8.34 -19.03 -17.50
C ASP A 62 6.85 -18.76 -17.41
N THR A 63 6.46 -18.12 -16.32
CA THR A 63 5.12 -17.73 -15.93
C THR A 63 4.44 -16.76 -16.92
N VAL A 64 5.22 -16.07 -17.78
CA VAL A 64 4.68 -15.09 -18.73
C VAL A 64 5.05 -15.41 -20.20
N LYS A 65 5.92 -16.40 -20.43
CA LYS A 65 6.35 -16.88 -21.75
C LYS A 65 5.14 -17.21 -22.62
N GLY A 66 5.17 -16.70 -23.85
CA GLY A 66 4.12 -16.87 -24.84
C GLY A 66 2.96 -15.92 -24.76
N ARG A 67 2.84 -15.15 -23.67
CA ARG A 67 1.75 -14.18 -23.46
C ARG A 67 2.26 -12.74 -23.44
N PHE A 68 3.42 -12.50 -22.82
CA PHE A 68 3.95 -11.13 -22.65
C PHE A 68 5.10 -10.88 -23.60
N THR A 69 5.19 -9.65 -24.13
CA THR A 69 6.28 -9.23 -25.00
C THR A 69 6.86 -7.92 -24.51
N ILE A 70 8.17 -7.91 -24.25
CA ILE A 70 8.96 -6.75 -23.88
C ILE A 70 9.53 -6.16 -25.18
N SER A 71 9.57 -4.84 -25.26
CA SER A 71 10.13 -4.10 -26.39
C SER A 71 10.58 -2.72 -25.92
N ARG A 72 11.34 -2.04 -26.75
CA ARG A 72 11.84 -0.72 -26.43
C ARG A 72 11.93 0.08 -27.70
N ASP A 73 11.85 1.41 -27.58
CA ASP A 73 11.98 2.33 -28.69
C ASP A 73 13.03 3.26 -28.15
N ASN A 74 14.30 3.00 -28.49
CA ASN A 74 15.41 3.80 -27.99
C ASN A 74 15.34 5.28 -28.37
N SER A 75 14.79 5.61 -29.56
CA SER A 75 14.64 6.99 -30.03
C SER A 75 13.60 7.75 -29.20
N LYS A 76 12.54 7.04 -28.77
CA LYS A 76 11.48 7.64 -27.97
C LYS A 76 11.67 7.36 -26.48
N ASN A 77 12.85 6.83 -26.07
CA ASN A 77 13.21 6.55 -24.67
C ASN A 77 12.08 5.84 -23.88
N THR A 78 11.52 4.78 -24.49
CA THR A 78 10.39 4.05 -23.93
C THR A 78 10.63 2.53 -23.92
N LEU A 79 10.20 1.90 -22.81
CA LEU A 79 10.17 0.48 -22.53
C LEU A 79 8.70 0.08 -22.59
N TYR A 80 8.39 -1.05 -23.22
CA TYR A 80 7.04 -1.55 -23.32
C TYR A 80 6.90 -2.93 -22.77
N LEU A 81 5.65 -3.26 -22.42
CA LEU A 81 5.26 -4.60 -22.00
C LEU A 81 3.86 -4.86 -22.54
N GLN A 82 3.78 -5.69 -23.57
CA GLN A 82 2.52 -6.11 -24.17
C GLN A 82 2.13 -7.32 -23.39
N MET A 83 0.97 -7.26 -22.72
CA MET A 83 0.47 -8.36 -21.90
C MET A 83 -0.83 -8.88 -22.47
N ASN A 84 -0.83 -10.14 -22.94
CA ASN A 84 -2.00 -10.80 -23.53
C ASN A 84 -2.48 -11.90 -22.65
N SER A 85 -3.76 -12.32 -22.85
CA SER A 85 -4.38 -13.43 -22.11
C SER A 85 -4.09 -13.30 -20.63
N LEU A 86 -4.47 -12.16 -20.05
CA LEU A 86 -4.22 -11.90 -18.65
C LEU A 86 -5.17 -12.71 -17.80
N ARG A 87 -4.71 -13.11 -16.61
CA ARG A 87 -5.48 -13.92 -15.65
C ARG A 87 -5.40 -13.24 -14.31
N ALA A 88 -6.32 -13.63 -13.39
CA ALA A 88 -6.41 -13.12 -12.01
C ALA A 88 -5.04 -13.03 -11.32
N GLU A 89 -4.20 -14.07 -11.51
CA GLU A 89 -2.84 -14.25 -10.98
C GLU A 89 -1.89 -13.18 -11.44
N ASP A 90 -2.17 -12.46 -12.55
CA ASP A 90 -1.29 -11.42 -13.12
C ASP A 90 -1.52 -10.07 -12.45
N THR A 91 -2.52 -10.03 -11.54
CA THR A 91 -2.84 -8.83 -10.75
C THR A 91 -1.61 -8.51 -9.91
N ALA A 92 -1.05 -7.32 -10.14
CA ALA A 92 0.17 -6.87 -9.47
C ALA A 92 0.45 -5.43 -9.84
N VAL A 93 1.38 -4.80 -9.07
CA VAL A 93 2.02 -3.53 -9.38
C VAL A 93 3.20 -3.91 -10.31
N TYR A 94 3.26 -3.29 -11.52
CA TYR A 94 4.32 -3.51 -12.49
C TYR A 94 5.33 -2.37 -12.47
N TYR A 95 6.54 -2.71 -12.06
CA TYR A 95 7.65 -1.78 -11.94
C TYR A 95 8.54 -1.84 -13.13
N CYS A 96 8.92 -0.67 -13.60
CA CYS A 96 9.89 -0.48 -14.66
C CYS A 96 11.23 -0.37 -13.88
N ALA A 97 12.24 -1.14 -14.27
CA ALA A 97 13.52 -1.17 -13.56
C ALA A 97 14.70 -0.97 -14.48
N ARG A 98 15.67 -0.14 -14.07
CA ARG A 98 16.90 0.12 -14.80
C ARG A 98 18.01 -0.71 -14.20
N ILE A 99 18.71 -1.48 -15.03
CA ILE A 99 19.82 -2.34 -14.60
C ILE A 99 21.11 -1.54 -14.55
N LYS A 100 21.78 -1.59 -13.37
CA LYS A 100 23.04 -0.94 -13.08
C LYS A 100 24.10 -1.40 -14.10
N LEU A 101 24.78 -0.45 -14.76
CA LEU A 101 25.84 -0.75 -15.75
C LEU A 101 26.90 -1.63 -15.07
N GLY A 102 27.26 -2.74 -15.72
CA GLY A 102 28.23 -3.69 -15.19
C GLY A 102 27.55 -4.83 -14.45
N THR A 103 26.22 -4.85 -14.48
CA THR A 103 25.42 -5.93 -13.87
C THR A 103 24.38 -6.36 -14.92
N VAL A 104 23.76 -7.53 -14.74
CA VAL A 104 22.70 -8.03 -15.61
C VAL A 104 21.35 -8.06 -14.85
N THR A 105 21.38 -8.16 -13.50
CA THR A 105 20.19 -8.30 -12.64
C THR A 105 19.99 -7.21 -11.59
N THR A 106 21.06 -6.48 -11.22
CA THR A 106 21.00 -5.43 -10.20
C THR A 106 20.25 -4.21 -10.71
N VAL A 107 19.17 -3.86 -10.01
CA VAL A 107 18.33 -2.71 -10.29
C VAL A 107 18.85 -1.49 -9.49
N ASP A 108 19.34 -0.43 -10.16
CA ASP A 108 19.74 0.76 -9.42
C ASP A 108 18.56 1.74 -9.29
N TYR A 109 17.66 1.76 -10.30
CA TYR A 109 16.47 2.63 -10.30
C TYR A 109 15.21 1.87 -10.64
N TRP A 110 14.15 2.11 -9.86
CA TRP A 110 12.82 1.52 -9.99
C TRP A 110 11.85 2.65 -10.21
N GLY A 111 10.77 2.40 -10.95
CA GLY A 111 9.69 3.37 -11.07
C GLY A 111 8.75 3.19 -9.89
N GLN A 112 7.70 4.03 -9.82
CA GLN A 112 6.70 3.93 -8.75
C GLN A 112 5.73 2.80 -8.99
N GLY A 113 5.71 2.29 -10.21
CA GLY A 113 4.85 1.21 -10.63
C GLY A 113 3.46 1.62 -11.09
N THR A 114 2.86 0.75 -11.91
CA THR A 114 1.51 0.89 -12.41
C THR A 114 0.77 -0.35 -11.99
N LEU A 115 -0.38 -0.14 -11.33
CA LEU A 115 -1.20 -1.24 -10.84
C LEU A 115 -2.10 -1.84 -11.97
N VAL A 116 -2.02 -3.17 -12.16
CA VAL A 116 -2.76 -3.96 -13.15
C VAL A 116 -3.67 -4.91 -12.36
N THR A 117 -4.99 -4.80 -12.59
CA THR A 117 -5.97 -5.63 -11.88
C THR A 117 -6.69 -6.48 -12.90
N VAL A 118 -6.65 -7.79 -12.68
CA VAL A 118 -7.34 -8.72 -13.55
C VAL A 118 -8.46 -9.34 -12.74
N SER A 119 -9.71 -9.04 -13.15
CA SER A 119 -10.86 -9.50 -12.38
C SER A 119 -12.04 -9.66 -13.28
N SER A 120 -12.98 -10.52 -12.86
CA SER A 120 -14.23 -10.72 -13.57
C SER A 120 -15.26 -9.67 -13.09
N ALA A 121 -14.95 -8.96 -11.97
CA ALA A 121 -15.78 -7.86 -11.43
C ALA A 121 -15.46 -6.52 -12.15
N SER A 122 -16.51 -5.75 -12.47
CA SER A 122 -16.42 -4.46 -13.15
C SER A 122 -16.07 -3.33 -12.15
N THR A 123 -15.52 -2.19 -12.65
CA THR A 123 -15.23 -1.01 -11.84
C THR A 123 -16.52 -0.48 -11.31
N LYS A 124 -16.45 0.02 -10.08
CA LYS A 124 -17.52 0.70 -9.35
C LYS A 124 -16.89 1.97 -8.84
N GLY A 125 -17.46 3.10 -9.24
CA GLY A 125 -17.03 4.39 -8.74
C GLY A 125 -17.56 4.54 -7.33
N PRO A 126 -16.94 5.36 -6.47
CA PRO A 126 -17.43 5.46 -5.10
C PRO A 126 -18.57 6.41 -4.88
N SER A 127 -19.31 6.24 -3.79
CA SER A 127 -20.32 7.21 -3.36
C SER A 127 -19.60 7.94 -2.24
N VAL A 128 -19.53 9.26 -2.31
CA VAL A 128 -18.83 10.08 -1.31
C VAL A 128 -19.82 10.78 -0.38
N PHE A 129 -19.65 10.57 0.95
CA PHE A 129 -20.51 11.17 1.95
C PHE A 129 -19.76 12.06 2.94
N PRO A 130 -20.27 13.28 3.27
CA PRO A 130 -19.58 14.10 4.25
C PRO A 130 -19.74 13.52 5.65
N LEU A 131 -18.69 13.63 6.47
CA LEU A 131 -18.68 13.16 7.85
C LEU A 131 -18.53 14.44 8.66
N ALA A 132 -19.67 15.11 8.93
CA ALA A 132 -19.76 16.40 9.62
C ALA A 132 -19.21 16.34 11.05
N PRO A 133 -18.48 17.38 11.49
CA PRO A 133 -17.96 17.36 12.88
C PRO A 133 -19.10 17.38 13.90
N SER A 134 -18.95 16.56 14.98
CA SER A 134 -19.86 16.40 16.12
C SER A 134 -20.56 17.73 16.49
N SER A 135 -21.90 17.69 16.64
CA SER A 135 -22.77 18.83 16.96
C SER A 135 -22.25 19.81 18.04
N LYS A 136 -21.41 19.32 18.98
CA LYS A 136 -20.82 20.14 20.04
C LYS A 136 -19.29 20.31 19.86
N SER A 137 -18.87 20.65 18.63
CA SER A 137 -17.45 20.87 18.30
C SER A 137 -17.01 22.29 18.61
N THR A 138 -17.68 23.33 18.00
CA THR A 138 -17.38 24.77 18.23
C THR A 138 -17.63 25.14 19.73
N SER A 139 -18.00 24.13 20.55
CA SER A 139 -18.21 24.15 22.00
C SER A 139 -17.00 23.43 22.68
N GLY A 140 -15.83 23.52 22.03
CA GLY A 140 -14.59 22.88 22.46
C GLY A 140 -13.34 23.41 21.76
N GLY A 141 -12.33 22.54 21.64
CA GLY A 141 -11.02 22.87 21.05
C GLY A 141 -10.75 22.34 19.66
N THR A 142 -10.71 21.01 19.51
CA THR A 142 -10.44 20.35 18.24
C THR A 142 -11.71 19.71 17.66
N ALA A 143 -11.78 19.62 16.33
CA ALA A 143 -12.90 19.02 15.61
C ALA A 143 -12.38 18.07 14.55
N ALA A 144 -12.98 16.88 14.50
CA ALA A 144 -12.63 15.89 13.49
C ALA A 144 -13.77 15.85 12.45
N LEU A 145 -13.44 16.11 11.18
CA LEU A 145 -14.40 16.06 10.09
C LEU A 145 -13.87 15.15 8.98
N GLY A 146 -14.74 14.55 8.19
CA GLY A 146 -14.25 13.66 7.15
C GLY A 146 -15.11 13.45 5.94
N CYS A 147 -14.70 12.46 5.15
CA CYS A 147 -15.36 11.98 3.95
C CYS A 147 -15.37 10.48 3.97
N LEU A 148 -16.56 9.93 3.77
CA LEU A 148 -16.75 8.49 3.68
C LEU A 148 -16.80 8.16 2.19
N VAL A 149 -15.82 7.39 1.75
CA VAL A 149 -15.69 6.99 0.35
C VAL A 149 -16.17 5.52 0.26
N LYS A 150 -17.47 5.34 -0.09
CA LYS A 150 -18.13 4.04 -0.11
C LYS A 150 -18.26 3.28 -1.44
N ASP A 151 -18.15 1.94 -1.35
CA ASP A 151 -18.41 0.92 -2.37
C ASP A 151 -17.75 1.13 -3.76
N TYR A 152 -16.41 1.10 -3.79
CA TYR A 152 -15.68 1.26 -5.04
C TYR A 152 -14.87 0.01 -5.34
N PHE A 153 -14.45 -0.11 -6.59
CA PHE A 153 -13.65 -1.22 -7.08
C PHE A 153 -13.00 -0.83 -8.39
N PRO A 154 -11.69 -1.14 -8.59
CA PRO A 154 -10.76 -1.70 -7.60
C PRO A 154 -10.09 -0.55 -6.81
N GLU A 155 -9.08 -0.86 -6.02
CA GLU A 155 -8.21 0.10 -5.35
C GLU A 155 -7.32 0.75 -6.43
N PRO A 156 -6.74 1.95 -6.20
CA PRO A 156 -6.87 2.78 -4.99
C PRO A 156 -7.84 3.95 -5.22
N VAL A 157 -8.07 4.73 -4.16
CA VAL A 157 -8.67 6.04 -4.20
C VAL A 157 -7.69 6.94 -3.48
N THR A 158 -7.50 8.16 -3.98
CA THR A 158 -6.69 9.14 -3.28
C THR A 158 -7.67 10.20 -2.75
N VAL A 159 -7.41 10.71 -1.53
CA VAL A 159 -8.26 11.74 -0.93
C VAL A 159 -7.38 12.92 -0.56
N SER A 160 -7.70 14.09 -1.08
CA SER A 160 -7.00 15.34 -0.76
C SER A 160 -8.02 16.26 -0.09
N TRP A 161 -7.56 17.39 0.49
CA TRP A 161 -8.43 18.36 1.13
C TRP A 161 -8.14 19.72 0.61
N ASN A 162 -9.21 20.49 0.27
CA ASN A 162 -9.11 21.85 -0.27
C ASN A 162 -8.14 21.93 -1.45
N SER A 163 -8.33 21.02 -2.41
CA SER A 163 -7.55 20.90 -3.65
C SER A 163 -6.06 20.72 -3.41
N GLY A 164 -5.72 20.06 -2.30
CA GLY A 164 -4.36 19.76 -1.93
C GLY A 164 -3.67 20.79 -1.05
N ALA A 165 -4.32 21.93 -0.80
CA ALA A 165 -3.77 22.99 0.02
C ALA A 165 -3.76 22.65 1.50
N LEU A 166 -4.70 21.80 1.95
CA LEU A 166 -4.82 21.38 3.35
C LEU A 166 -4.18 19.98 3.47
N THR A 167 -2.98 19.91 4.06
CA THR A 167 -2.25 18.65 4.22
C THR A 167 -2.01 18.28 5.70
N SER A 168 -1.99 19.29 6.56
CA SER A 168 -1.75 19.11 7.98
C SER A 168 -3.00 18.68 8.71
N GLY A 169 -2.86 17.65 9.54
CA GLY A 169 -3.95 17.08 10.34
C GLY A 169 -4.86 16.13 9.57
N VAL A 170 -4.43 15.74 8.34
CA VAL A 170 -5.11 14.85 7.38
C VAL A 170 -4.70 13.39 7.61
N HIS A 171 -5.69 12.49 7.72
CA HIS A 171 -5.46 11.06 7.89
C HIS A 171 -6.48 10.30 7.04
N THR A 172 -6.00 9.72 5.93
CA THR A 172 -6.81 8.90 5.06
C THR A 172 -6.52 7.45 5.53
N PHE A 173 -7.55 6.78 6.02
CA PHE A 173 -7.44 5.44 6.57
C PHE A 173 -7.40 4.34 5.49
N PRO A 174 -6.70 3.20 5.72
CA PRO A 174 -6.72 2.10 4.73
C PRO A 174 -8.15 1.60 4.49
N ALA A 175 -8.42 1.08 3.27
CA ALA A 175 -9.80 0.67 2.99
C ALA A 175 -10.16 -0.67 3.58
N VAL A 176 -11.46 -0.86 3.86
CA VAL A 176 -12.02 -2.14 4.29
C VAL A 176 -12.50 -2.84 3.01
N LEU A 177 -12.20 -4.15 2.89
CA LEU A 177 -12.67 -4.98 1.80
C LEU A 177 -13.89 -5.69 2.39
N GLN A 178 -15.07 -5.28 1.96
CA GLN A 178 -16.35 -5.81 2.40
C GLN A 178 -16.61 -7.19 1.83
N SER A 179 -17.65 -7.90 2.35
CA SER A 179 -18.07 -9.23 1.88
C SER A 179 -18.50 -9.15 0.41
N SER A 180 -19.13 -8.02 0.03
CA SER A 180 -19.62 -7.69 -1.31
C SER A 180 -18.50 -7.65 -2.37
N GLY A 181 -17.24 -7.57 -1.94
CA GLY A 181 -16.08 -7.48 -2.84
C GLY A 181 -15.68 -6.03 -3.12
N LEU A 182 -16.50 -5.07 -2.63
CA LEU A 182 -16.32 -3.60 -2.76
C LEU A 182 -15.58 -3.05 -1.57
N TYR A 183 -14.82 -2.00 -1.79
CA TYR A 183 -14.06 -1.31 -0.75
C TYR A 183 -14.80 -0.09 -0.29
N SER A 184 -14.44 0.36 0.91
CA SER A 184 -14.92 1.58 1.55
C SER A 184 -13.74 2.12 2.30
N LEU A 185 -13.65 3.43 2.37
CA LEU A 185 -12.53 4.10 3.02
C LEU A 185 -13.06 5.39 3.68
N SER A 186 -12.28 5.96 4.61
CA SER A 186 -12.59 7.22 5.28
C SER A 186 -11.32 8.03 5.40
N SER A 187 -11.45 9.35 5.20
CA SER A 187 -10.39 10.34 5.35
C SER A 187 -10.89 11.38 6.35
N VAL A 188 -10.06 11.73 7.32
CA VAL A 188 -10.43 12.69 8.37
C VAL A 188 -9.37 13.78 8.52
N VAL A 189 -9.82 15.00 8.81
CA VAL A 189 -8.96 16.14 9.13
C VAL A 189 -9.30 16.58 10.52
N THR A 190 -8.27 16.89 11.29
CA THR A 190 -8.41 17.43 12.63
C THR A 190 -8.07 18.90 12.49
N VAL A 191 -9.07 19.74 12.76
CA VAL A 191 -8.97 21.21 12.62
C VAL A 191 -9.35 21.91 13.91
N PRO A 192 -9.06 23.23 14.06
CA PRO A 192 -9.54 23.94 15.27
C PRO A 192 -11.06 24.10 15.16
N SER A 193 -11.77 23.83 16.24
CA SER A 193 -13.22 24.00 16.31
C SER A 193 -13.66 25.41 15.94
N SER A 194 -12.84 26.43 16.32
CA SER A 194 -13.06 27.85 16.08
C SER A 194 -13.05 28.25 14.60
N SER A 195 -12.45 27.40 13.75
CA SER A 195 -12.34 27.65 12.32
C SER A 195 -13.53 27.08 11.53
N LEU A 196 -14.44 26.35 12.20
CA LEU A 196 -15.58 25.70 11.55
C LEU A 196 -16.57 26.67 10.86
N GLY A 197 -16.65 27.91 11.32
CA GLY A 197 -17.50 28.91 10.67
C GLY A 197 -16.78 29.71 9.60
N THR A 198 -15.46 29.85 9.76
CA THR A 198 -14.52 30.63 8.96
C THR A 198 -13.98 29.89 7.74
N GLN A 199 -13.62 28.62 7.93
CA GLN A 199 -13.00 27.82 6.91
C GLN A 199 -13.94 26.85 6.23
N THR A 200 -13.86 26.86 4.92
CA THR A 200 -14.59 25.90 4.10
C THR A 200 -13.70 24.65 3.94
N TYR A 201 -14.28 23.47 4.12
CA TYR A 201 -13.56 22.20 4.02
C TYR A 201 -14.18 21.34 2.96
N ILE A 202 -13.37 20.96 1.95
CA ILE A 202 -13.79 20.15 0.81
C ILE A 202 -12.84 18.99 0.67
N CYS A 203 -13.38 17.79 0.48
CA CYS A 203 -12.54 16.63 0.19
C CYS A 203 -12.60 16.30 -1.29
N ASN A 204 -11.43 16.05 -1.84
CA ASN A 204 -11.22 15.76 -3.25
C ASN A 204 -10.88 14.30 -3.39
N VAL A 205 -11.89 13.55 -3.83
CA VAL A 205 -11.82 12.14 -4.03
C VAL A 205 -11.52 11.82 -5.49
N ASN A 206 -10.47 11.05 -5.73
CA ASN A 206 -10.12 10.58 -7.07
C ASN A 206 -10.01 9.06 -7.07
N HIS A 207 -10.77 8.42 -7.96
CA HIS A 207 -10.80 6.99 -8.25
C HIS A 207 -10.64 6.89 -9.76
N LYS A 208 -9.36 6.82 -10.21
CA LYS A 208 -8.95 6.82 -11.62
C LYS A 208 -9.54 5.65 -12.44
N PRO A 209 -9.66 4.40 -11.89
CA PRO A 209 -10.25 3.32 -12.70
C PRO A 209 -11.66 3.59 -13.20
N SER A 210 -12.48 4.34 -12.45
CA SER A 210 -13.84 4.68 -12.89
C SER A 210 -13.93 6.12 -13.39
N ASN A 211 -12.78 6.82 -13.53
CA ASN A 211 -12.69 8.23 -13.94
C ASN A 211 -13.50 9.17 -12.99
N THR A 212 -13.62 8.78 -11.70
CA THR A 212 -14.35 9.59 -10.72
C THR A 212 -13.42 10.61 -10.07
N LYS A 213 -13.85 11.87 -10.07
CA LYS A 213 -13.25 13.08 -9.47
C LYS A 213 -14.43 13.80 -8.78
N VAL A 214 -14.59 13.58 -7.45
CA VAL A 214 -15.69 14.14 -6.63
C VAL A 214 -15.14 15.13 -5.59
N ASP A 215 -15.75 16.32 -5.54
CA ASP A 215 -15.40 17.35 -4.54
C ASP A 215 -16.58 17.46 -3.62
N LYS A 216 -16.42 17.03 -2.36
CA LYS A 216 -17.51 17.07 -1.39
C LYS A 216 -17.27 18.10 -0.30
N ARG A 217 -18.13 19.10 -0.23
CA ARG A 217 -18.08 20.10 0.83
C ARG A 217 -18.56 19.43 2.15
N VAL A 218 -17.78 19.60 3.24
CA VAL A 218 -18.07 19.08 4.57
C VAL A 218 -18.41 20.27 5.46
N GLU A 219 -19.72 20.42 5.77
CA GLU A 219 -20.26 21.52 6.56
C GLU A 219 -20.50 21.16 8.01
N PRO A 220 -20.36 22.11 8.96
CA PRO A 220 -20.64 21.77 10.37
C PRO A 220 -22.12 21.56 10.68
N LYS A 221 -22.41 20.53 11.53
CA LYS A 221 -23.68 20.07 12.15
C LYS A 221 -23.67 18.54 12.44
N SER B 2 13.92 -22.65 -8.02
CA SER B 2 12.49 -22.33 -8.03
C SER B 2 12.12 -21.00 -7.31
N ALA B 3 12.92 -20.56 -6.29
CA ALA B 3 12.77 -19.31 -5.50
C ALA B 3 13.90 -19.19 -4.46
N LEU B 4 14.23 -17.96 -4.03
CA LEU B 4 15.29 -17.80 -3.03
C LEU B 4 14.65 -17.77 -1.67
N THR B 5 15.06 -18.69 -0.80
CA THR B 5 14.51 -18.87 0.54
C THR B 5 15.07 -17.83 1.52
N GLN B 6 14.17 -17.04 2.06
CA GLN B 6 14.45 -16.03 3.07
C GLN B 6 13.54 -16.33 4.27
N PRO B 7 13.94 -16.04 5.53
CA PRO B 7 12.96 -16.21 6.65
C PRO B 7 11.79 -15.26 6.41
N ALA B 8 10.55 -15.67 6.69
CA ALA B 8 9.41 -14.78 6.47
C ALA B 8 9.51 -13.55 7.36
N SER B 9 9.93 -13.75 8.63
CA SER B 9 9.99 -12.68 9.63
C SER B 9 11.27 -12.63 10.44
N VAL B 10 11.79 -11.43 10.63
CA VAL B 10 12.91 -11.19 11.53
C VAL B 10 12.52 -10.01 12.41
N SER B 11 12.52 -10.22 13.70
CA SER B 11 12.18 -9.17 14.68
C SER B 11 13.43 -8.76 15.44
N GLY B 12 13.51 -7.48 15.76
CA GLY B 12 14.62 -7.00 16.55
C GLY B 12 14.25 -5.80 17.40
N SER B 13 15.13 -5.51 18.36
CA SER B 13 15.04 -4.36 19.28
C SER B 13 16.00 -3.21 18.83
N PRO B 14 15.70 -1.95 19.23
CA PRO B 14 16.58 -0.82 18.83
C PRO B 14 18.04 -0.96 19.26
N GLY B 15 18.95 -0.60 18.37
CA GLY B 15 20.40 -0.67 18.61
C GLY B 15 21.03 -2.02 18.31
N GLN B 16 20.21 -3.08 18.18
CA GLN B 16 20.64 -4.46 17.94
C GLN B 16 21.00 -4.70 16.49
N SER B 17 21.60 -5.86 16.21
CA SER B 17 21.97 -6.32 14.88
C SER B 17 21.13 -7.50 14.51
N ILE B 18 20.72 -7.55 13.25
CA ILE B 18 19.96 -8.71 12.76
C ILE B 18 20.57 -9.15 11.44
N THR B 19 20.47 -10.45 11.13
CA THR B 19 20.97 -11.00 9.87
C THR B 19 19.82 -11.65 9.14
N ILE B 20 19.70 -11.33 7.86
CA ILE B 20 18.68 -11.87 6.97
C ILE B 20 19.40 -12.75 5.99
N SER B 21 19.04 -14.03 5.99
CA SER B 21 19.62 -15.05 5.12
C SER B 21 18.81 -15.20 3.85
N CYS B 22 19.48 -15.65 2.80
CA CYS B 22 18.92 -15.85 1.47
C CYS B 22 19.61 -17.08 0.91
N THR B 23 18.91 -18.22 0.89
CA THR B 23 19.50 -19.48 0.44
C THR B 23 18.95 -19.93 -0.90
N GLY B 24 19.87 -20.17 -1.82
CA GLY B 24 19.56 -20.67 -3.15
C GLY B 24 20.26 -21.99 -3.39
N THR B 25 20.70 -22.18 -4.63
CA THR B 25 21.40 -23.37 -5.10
C THR B 25 22.76 -22.98 -5.71
N SER B 26 23.51 -23.98 -6.21
CA SER B 26 24.81 -23.80 -6.84
C SER B 26 24.69 -23.17 -8.24
N SER B 27 23.45 -23.04 -8.76
CA SER B 27 23.18 -22.45 -10.07
C SER B 27 22.68 -20.99 -9.99
N ASP B 28 22.63 -20.43 -8.76
CA ASP B 28 22.22 -19.02 -8.56
C ASP B 28 23.08 -18.38 -7.47
N VAL B 29 22.58 -18.30 -6.19
CA VAL B 29 23.30 -17.74 -5.02
C VAL B 29 24.70 -18.41 -4.84
N GLY B 30 24.75 -19.74 -4.78
CA GLY B 30 25.97 -20.51 -4.58
C GLY B 30 26.92 -20.53 -5.77
N GLY B 31 26.39 -20.22 -6.94
CA GLY B 31 27.14 -20.21 -8.19
C GLY B 31 27.74 -18.89 -8.63
N TYR B 32 27.19 -17.73 -8.20
CA TYR B 32 27.71 -16.44 -8.67
C TYR B 32 27.74 -15.37 -7.59
N ASN B 33 28.61 -14.36 -7.78
CA ASN B 33 28.71 -13.23 -6.86
C ASN B 33 27.76 -12.07 -7.30
N TYR B 34 26.61 -12.41 -7.91
CA TYR B 34 25.63 -11.46 -8.43
C TYR B 34 24.39 -11.43 -7.55
N VAL B 35 24.58 -11.23 -6.23
CA VAL B 35 23.46 -11.17 -5.33
C VAL B 35 23.29 -9.71 -4.84
N SER B 36 22.04 -9.23 -4.91
CA SER B 36 21.61 -7.89 -4.57
C SER B 36 20.60 -7.92 -3.42
N TRP B 37 20.50 -6.82 -2.68
CA TRP B 37 19.52 -6.69 -1.61
C TRP B 37 18.76 -5.41 -1.79
N TYR B 38 17.44 -5.50 -1.57
CA TYR B 38 16.54 -4.36 -1.67
C TYR B 38 15.75 -4.16 -0.39
N GLN B 39 15.54 -2.89 -0.03
CA GLN B 39 14.67 -2.51 1.08
C GLN B 39 13.41 -1.95 0.45
N GLN B 40 12.26 -2.33 0.99
CA GLN B 40 10.98 -1.82 0.48
C GLN B 40 10.04 -1.41 1.62
N HIS B 41 9.68 -0.14 1.68
CA HIS B 41 8.75 0.36 2.68
C HIS B 41 7.30 0.24 2.19
N PRO B 42 6.27 0.16 3.08
CA PRO B 42 4.88 -0.01 2.60
C PRO B 42 4.40 1.05 1.62
N GLY B 43 3.92 0.60 0.47
CA GLY B 43 3.40 1.45 -0.58
C GLY B 43 4.44 2.16 -1.39
N LYS B 44 5.73 1.85 -1.14
CA LYS B 44 6.84 2.47 -1.85
C LYS B 44 7.59 1.48 -2.74
N ALA B 45 8.29 2.02 -3.73
CA ALA B 45 9.15 1.28 -4.66
C ALA B 45 10.39 0.66 -3.93
N PRO B 46 10.94 -0.50 -4.37
CA PRO B 46 12.15 -1.02 -3.68
C PRO B 46 13.34 -0.08 -3.88
N LYS B 47 14.32 -0.19 -3.00
CA LYS B 47 15.54 0.59 -3.01
C LYS B 47 16.71 -0.37 -2.86
N LEU B 48 17.68 -0.22 -3.74
CA LEU B 48 18.90 -0.99 -3.74
C LEU B 48 19.81 -0.65 -2.53
N MET B 49 20.03 -1.64 -1.67
CA MET B 49 20.87 -1.54 -0.48
C MET B 49 22.26 -2.10 -0.67
N ILE B 50 22.38 -3.28 -1.33
CA ILE B 50 23.63 -4.02 -1.57
C ILE B 50 23.58 -4.61 -2.97
N TYR B 51 24.73 -4.63 -3.67
CA TYR B 51 24.86 -5.27 -4.99
C TYR B 51 26.14 -6.03 -4.99
N ASP B 52 26.23 -7.07 -5.84
CA ASP B 52 27.44 -7.91 -5.96
C ASP B 52 27.90 -8.47 -4.61
N VAL B 53 26.95 -8.96 -3.81
CA VAL B 53 27.14 -9.59 -2.50
C VAL B 53 27.38 -8.58 -1.36
N SER B 54 28.38 -7.70 -1.48
CA SER B 54 28.79 -6.85 -0.39
C SER B 54 28.99 -5.39 -0.70
N ASN B 55 28.77 -4.98 -1.95
CA ASN B 55 29.00 -3.59 -2.36
C ASN B 55 27.80 -2.73 -2.04
N ARG B 56 28.02 -1.61 -1.35
CA ARG B 56 26.89 -0.75 -1.06
C ARG B 56 26.90 0.48 -1.97
N PRO B 57 25.73 0.82 -2.60
CA PRO B 57 25.69 2.02 -3.46
C PRO B 57 25.85 3.27 -2.62
N SER B 58 26.11 4.42 -3.27
CA SER B 58 26.32 5.71 -2.61
C SER B 58 25.03 6.15 -1.92
N GLY B 59 25.19 6.70 -0.72
CA GLY B 59 24.09 7.20 0.11
C GLY B 59 23.52 6.18 1.08
N VAL B 60 23.96 4.91 0.93
CA VAL B 60 23.49 3.83 1.79
C VAL B 60 24.45 3.70 2.96
N SER B 61 23.88 3.78 4.17
CA SER B 61 24.55 3.68 5.47
C SER B 61 25.42 2.45 5.57
N ASN B 62 26.55 2.55 6.27
CA ASN B 62 27.42 1.41 6.52
C ASN B 62 26.83 0.45 7.59
N ARG B 63 25.62 0.77 8.12
CA ARG B 63 24.87 -0.10 9.06
C ARG B 63 24.37 -1.33 8.30
N PHE B 64 24.25 -1.22 6.95
CA PHE B 64 23.87 -2.31 6.03
C PHE B 64 25.13 -2.96 5.44
N SER B 65 25.27 -4.28 5.59
CA SER B 65 26.38 -5.02 5.00
C SER B 65 25.88 -6.36 4.46
N GLY B 66 26.59 -6.88 3.46
CA GLY B 66 26.26 -8.14 2.81
C GLY B 66 27.42 -9.12 2.80
N SER B 67 27.12 -10.42 2.85
CA SER B 67 28.11 -11.48 2.80
C SER B 67 27.53 -12.72 2.12
N LYS B 68 28.38 -13.72 1.86
CA LYS B 68 27.98 -14.97 1.22
C LYS B 68 28.82 -16.12 1.75
N SER B 69 28.19 -17.26 1.97
CA SER B 69 28.80 -18.51 2.40
C SER B 69 27.99 -19.65 1.78
N GLY B 70 28.62 -20.36 0.85
CA GLY B 70 28.01 -21.48 0.13
C GLY B 70 26.86 -21.02 -0.75
N ASN B 71 25.67 -21.57 -0.49
CA ASN B 71 24.45 -21.27 -1.23
C ASN B 71 23.63 -20.22 -0.50
N THR B 72 24.23 -19.61 0.55
CA THR B 72 23.57 -18.60 1.39
C THR B 72 24.22 -17.22 1.35
N ALA B 73 23.42 -16.21 1.08
CA ALA B 73 23.77 -14.79 1.10
C ALA B 73 23.16 -14.18 2.37
N SER B 74 23.82 -13.19 2.96
CA SER B 74 23.30 -12.58 4.19
C SER B 74 23.37 -11.08 4.18
N LEU B 75 22.33 -10.46 4.71
CA LEU B 75 22.24 -9.01 4.88
C LEU B 75 22.20 -8.75 6.36
N THR B 76 23.17 -7.99 6.86
CA THR B 76 23.25 -7.60 8.27
C THR B 76 22.94 -6.12 8.42
N ILE B 77 22.05 -5.82 9.39
CA ILE B 77 21.65 -4.47 9.76
C ILE B 77 22.11 -4.28 11.20
N SER B 78 23.07 -3.38 11.39
CA SER B 78 23.58 -3.07 12.71
C SER B 78 22.90 -1.78 13.16
N GLY B 79 22.90 -1.55 14.47
CA GLY B 79 22.27 -0.38 15.09
C GLY B 79 20.85 -0.18 14.62
N LEU B 80 19.98 -1.22 14.77
CA LEU B 80 18.58 -1.22 14.34
C LEU B 80 17.87 0.04 14.76
N GLN B 81 17.20 0.67 13.78
CA GLN B 81 16.41 1.88 13.91
C GLN B 81 15.02 1.54 13.48
N ALA B 82 14.05 2.30 13.99
CA ALA B 82 12.62 2.14 13.68
C ALA B 82 12.33 2.21 12.19
N GLU B 83 13.12 3.04 11.44
CA GLU B 83 12.98 3.25 9.98
C GLU B 83 13.48 2.06 9.17
N ASP B 84 14.23 1.11 9.81
CA ASP B 84 14.70 -0.12 9.19
C ASP B 84 13.53 -1.12 9.05
N GLU B 85 12.42 -0.86 9.74
CA GLU B 85 11.22 -1.71 9.64
C GLU B 85 10.68 -1.59 8.21
N ALA B 86 10.79 -2.68 7.45
CA ALA B 86 10.44 -2.76 6.02
C ALA B 86 10.53 -4.19 5.60
N ASP B 87 10.31 -4.39 4.31
CA ASP B 87 10.44 -5.68 3.62
C ASP B 87 11.80 -5.70 2.92
N TYR B 88 12.50 -6.80 3.03
CA TYR B 88 13.82 -6.94 2.39
C TYR B 88 13.80 -8.12 1.46
N TYR B 89 14.37 -7.94 0.25
CA TYR B 89 14.47 -8.96 -0.78
C TYR B 89 15.86 -9.11 -1.26
N CYS B 90 16.28 -10.36 -1.45
CA CYS B 90 17.55 -10.63 -2.10
C CYS B 90 17.18 -10.97 -3.54
N SER B 91 18.15 -10.97 -4.42
CA SER B 91 17.97 -11.40 -5.80
C SER B 91 19.30 -11.91 -6.27
N SER B 92 19.26 -12.80 -7.25
CA SER B 92 20.46 -13.36 -7.84
C SER B 92 20.23 -13.65 -9.31
N TYR B 93 21.34 -13.77 -10.05
CA TYR B 93 21.39 -14.19 -11.43
C TYR B 93 21.27 -15.73 -11.37
N THR B 94 20.59 -16.35 -12.34
CA THR B 94 20.42 -17.81 -12.40
C THR B 94 21.20 -18.34 -13.61
N SER B 95 21.68 -19.60 -13.55
CA SER B 95 22.42 -20.24 -14.65
C SER B 95 21.53 -20.36 -15.89
N SER B 96 20.21 -20.39 -15.64
CA SER B 96 19.11 -20.41 -16.62
C SER B 96 19.02 -19.06 -17.40
N SER B 97 19.87 -18.05 -17.01
CA SER B 97 19.96 -16.64 -17.49
C SER B 97 18.80 -15.79 -16.96
N THR B 98 17.87 -16.41 -16.23
CA THR B 98 16.70 -15.74 -15.63
C THR B 98 17.13 -14.85 -14.45
N ARG B 99 16.13 -14.24 -13.77
CA ARG B 99 16.29 -13.42 -12.58
C ARG B 99 15.29 -13.88 -11.55
N VAL B 100 15.75 -14.02 -10.33
CA VAL B 100 14.90 -14.52 -9.28
C VAL B 100 15.10 -13.67 -8.03
N PHE B 101 13.98 -13.26 -7.42
CA PHE B 101 13.97 -12.56 -6.16
C PHE B 101 13.70 -13.58 -5.09
N GLY B 102 14.07 -13.25 -3.86
CA GLY B 102 13.81 -14.11 -2.72
C GLY B 102 12.37 -14.02 -2.29
N THR B 103 11.97 -14.80 -1.28
CA THR B 103 10.58 -14.82 -0.81
C THR B 103 10.25 -13.55 0.02
N GLY B 104 11.27 -12.82 0.47
CA GLY B 104 11.09 -11.60 1.23
C GLY B 104 11.08 -11.83 2.73
N THR B 105 11.67 -10.90 3.46
CA THR B 105 11.69 -10.95 4.92
C THR B 105 11.05 -9.70 5.44
N LYS B 106 10.07 -9.83 6.34
CA LYS B 106 9.46 -8.66 6.95
C LYS B 106 10.25 -8.35 8.21
N VAL B 107 10.86 -7.17 8.27
CA VAL B 107 11.60 -6.80 9.48
C VAL B 107 10.74 -5.96 10.40
N THR B 108 10.61 -6.36 11.66
CA THR B 108 9.85 -5.53 12.59
C THR B 108 10.80 -5.09 13.74
N VAL B 109 10.76 -3.81 14.06
CA VAL B 109 11.57 -3.18 15.09
C VAL B 109 10.68 -2.89 16.29
N LEU B 110 10.93 -3.60 17.40
CA LEU B 110 10.16 -3.54 18.64
C LEU B 110 10.66 -2.44 19.57
N GLY B 111 10.07 -2.33 20.76
CA GLY B 111 10.51 -1.34 21.74
C GLY B 111 9.79 -0.01 21.84
N GLN B 112 8.96 0.35 20.84
CA GLN B 112 8.21 1.60 20.90
C GLN B 112 7.16 1.58 22.05
N PRO B 113 6.88 2.75 22.68
CA PRO B 113 5.96 2.76 23.82
C PRO B 113 4.51 2.46 23.50
N LYS B 114 3.81 1.89 24.51
CA LYS B 114 2.38 1.61 24.45
C LYS B 114 1.63 2.92 24.10
N ALA B 115 0.76 2.87 23.12
CA ALA B 115 -0.01 4.04 22.73
C ALA B 115 -1.46 3.66 22.73
N ASN B 116 -2.25 4.40 23.50
CA ASN B 116 -3.68 4.17 23.57
C ASN B 116 -4.35 4.73 22.35
N PRO B 117 -5.39 4.03 21.84
CA PRO B 117 -6.04 4.52 20.61
C PRO B 117 -6.91 5.76 20.80
N THR B 118 -7.00 6.55 19.74
CA THR B 118 -7.90 7.69 19.66
C THR B 118 -9.07 7.12 18.86
N VAL B 119 -10.28 7.26 19.36
CA VAL B 119 -11.48 6.71 18.74
C VAL B 119 -12.37 7.85 18.26
N THR B 120 -12.73 7.86 16.99
CA THR B 120 -13.59 8.87 16.37
C THR B 120 -14.78 8.15 15.74
N LEU B 121 -15.98 8.41 16.26
CA LEU B 121 -17.20 7.77 15.81
C LEU B 121 -18.11 8.74 15.09
N PHE B 122 -18.49 8.42 13.86
CA PHE B 122 -19.40 9.26 13.09
C PHE B 122 -20.72 8.57 12.89
N PRO B 123 -21.84 9.31 13.04
CA PRO B 123 -23.15 8.69 12.76
C PRO B 123 -23.37 8.69 11.24
N PRO B 124 -24.45 8.07 10.70
CA PRO B 124 -24.71 8.20 9.25
C PRO B 124 -24.97 9.68 8.93
N SER B 125 -24.60 10.10 7.73
CA SER B 125 -24.80 11.46 7.24
C SER B 125 -26.23 11.57 6.77
N SER B 126 -26.79 12.78 6.77
CA SER B 126 -28.15 12.98 6.28
C SER B 126 -28.26 12.68 4.79
N GLU B 127 -27.16 12.90 4.01
CA GLU B 127 -27.08 12.59 2.56
C GLU B 127 -27.24 11.08 2.31
N GLU B 128 -26.56 10.26 3.16
CA GLU B 128 -26.62 8.80 3.07
C GLU B 128 -28.00 8.28 3.43
N LEU B 129 -28.59 8.83 4.51
CA LEU B 129 -29.95 8.49 4.95
C LEU B 129 -30.99 8.80 3.86
N GLN B 130 -30.77 9.92 3.11
CA GLN B 130 -31.62 10.31 1.97
C GLN B 130 -31.50 9.30 0.81
N ALA B 131 -30.37 8.55 0.76
CA ALA B 131 -30.09 7.49 -0.23
C ALA B 131 -30.54 6.10 0.29
N ASN B 132 -31.34 6.11 1.37
CA ASN B 132 -31.91 4.95 2.06
C ASN B 132 -30.81 3.94 2.52
N LYS B 133 -29.68 4.48 2.98
CA LYS B 133 -28.56 3.72 3.55
C LYS B 133 -28.09 4.37 4.83
N ALA B 134 -27.41 3.61 5.68
CA ALA B 134 -26.88 4.13 6.95
C ALA B 134 -25.58 3.41 7.30
N THR B 135 -24.51 4.17 7.57
CA THR B 135 -23.21 3.61 7.94
C THR B 135 -22.64 4.39 9.10
N LEU B 136 -22.34 3.69 10.19
CA LEU B 136 -21.68 4.25 11.36
C LEU B 136 -20.23 3.93 11.13
N VAL B 137 -19.35 4.95 11.30
CA VAL B 137 -17.92 4.84 11.02
C VAL B 137 -17.14 5.05 12.29
N CYS B 138 -16.37 4.03 12.69
CA CYS B 138 -15.56 4.10 13.90
C CYS B 138 -14.11 4.02 13.48
N LEU B 139 -13.39 5.13 13.61
CA LEU B 139 -12.00 5.25 13.24
C LEU B 139 -11.13 5.18 14.47
N ILE B 140 -10.15 4.26 14.44
CA ILE B 140 -9.23 3.97 15.55
C ILE B 140 -7.82 4.23 15.09
N SER B 141 -7.11 5.15 15.74
CA SER B 141 -5.75 5.48 15.32
C SER B 141 -4.81 5.68 16.50
N ASP B 142 -3.51 5.83 16.19
CA ASP B 142 -2.43 6.09 17.11
C ASP B 142 -2.32 5.07 18.23
N PHE B 143 -2.45 3.77 17.91
CA PHE B 143 -2.31 2.75 18.95
C PHE B 143 -1.10 1.85 18.74
N TYR B 144 -0.66 1.24 19.83
CA TYR B 144 0.45 0.31 19.91
C TYR B 144 0.41 -0.48 21.21
N PRO B 145 0.55 -1.84 21.17
CA PRO B 145 0.69 -2.71 19.98
C PRO B 145 -0.54 -2.73 19.04
N GLY B 146 -0.38 -3.30 17.86
CA GLY B 146 -1.44 -3.36 16.84
C GLY B 146 -2.66 -4.22 17.09
N ALA B 147 -2.97 -4.55 18.33
CA ALA B 147 -4.11 -5.42 18.59
C ALA B 147 -5.30 -4.68 19.18
N VAL B 148 -6.44 -4.75 18.47
CA VAL B 148 -7.69 -4.15 18.94
C VAL B 148 -8.84 -5.11 18.79
N THR B 149 -9.83 -4.93 19.64
CA THR B 149 -11.10 -5.64 19.68
C THR B 149 -12.12 -4.53 19.49
N VAL B 150 -13.09 -4.73 18.60
CA VAL B 150 -14.14 -3.75 18.36
C VAL B 150 -15.47 -4.40 18.64
N ALA B 151 -16.28 -3.73 19.45
CA ALA B 151 -17.61 -4.17 19.81
C ALA B 151 -18.59 -3.09 19.48
N TRP B 152 -19.74 -3.48 18.93
CA TRP B 152 -20.83 -2.55 18.59
C TRP B 152 -22.08 -2.86 19.45
N LYS B 153 -22.71 -1.80 20.01
CA LYS B 153 -23.90 -1.91 20.87
C LYS B 153 -25.01 -0.93 20.47
N ALA B 154 -26.27 -1.37 20.51
CA ALA B 154 -27.43 -0.51 20.23
C ALA B 154 -28.22 -0.34 21.54
N ASP B 155 -27.84 0.68 22.35
CA ASP B 155 -28.38 1.05 23.68
C ASP B 155 -28.48 -0.20 24.61
N GLY B 156 -27.39 -0.97 24.64
CA GLY B 156 -27.28 -2.22 25.35
C GLY B 156 -27.39 -3.36 24.35
N SER B 157 -26.86 -4.56 24.70
CA SER B 157 -26.86 -5.79 23.86
C SER B 157 -26.02 -5.62 22.58
N PRO B 158 -25.33 -6.68 22.09
CA PRO B 158 -24.42 -6.49 20.96
C PRO B 158 -25.08 -6.38 19.60
N VAL B 159 -24.25 -6.00 18.60
CA VAL B 159 -24.60 -5.88 17.19
C VAL B 159 -23.48 -6.59 16.41
N LYS B 160 -23.82 -7.76 15.86
CA LYS B 160 -22.97 -8.67 15.08
C LYS B 160 -23.11 -8.45 13.56
N ALA B 161 -24.38 -8.22 13.13
CA ALA B 161 -24.76 -8.03 11.73
C ALA B 161 -24.34 -6.67 11.16
N GLY B 162 -23.79 -6.71 9.96
CA GLY B 162 -23.35 -5.54 9.20
C GLY B 162 -22.05 -4.91 9.63
N VAL B 163 -21.26 -5.62 10.48
CA VAL B 163 -19.98 -5.16 11.00
C VAL B 163 -18.84 -5.60 10.08
N GLU B 164 -17.97 -4.64 9.70
CA GLU B 164 -16.77 -4.88 8.89
C GLU B 164 -15.63 -4.04 9.40
N THR B 165 -14.58 -4.71 9.89
CA THR B 165 -13.39 -4.11 10.48
C THR B 165 -12.15 -4.42 9.70
N THR B 166 -11.24 -3.45 9.55
CA THR B 166 -9.98 -3.69 8.85
C THR B 166 -8.99 -4.36 9.80
N LYS B 167 -7.88 -4.83 9.23
CA LYS B 167 -6.78 -5.41 9.97
C LYS B 167 -5.93 -4.20 10.37
N PRO B 168 -5.56 -4.02 11.66
CA PRO B 168 -4.72 -2.85 12.02
C PRO B 168 -3.49 -2.76 11.13
N SER B 169 -3.16 -1.55 10.73
CA SER B 169 -2.07 -1.27 9.80
C SER B 169 -1.22 -0.12 10.34
N LYS B 170 0.10 -0.13 10.07
CA LYS B 170 0.95 0.95 10.53
C LYS B 170 0.82 2.14 9.64
N GLN B 171 0.66 3.31 10.27
CA GLN B 171 0.56 4.60 9.61
C GLN B 171 1.96 5.31 9.62
N SER B 172 2.08 6.49 8.99
CA SER B 172 3.31 7.27 8.83
C SER B 172 4.00 7.69 10.14
N ASN B 173 3.24 7.70 11.27
CA ASN B 173 3.72 8.03 12.62
C ASN B 173 4.26 6.80 13.35
N ASN B 174 4.27 5.61 12.69
CA ASN B 174 4.73 4.31 13.22
C ASN B 174 3.76 3.74 14.26
N LYS B 175 2.50 4.17 14.22
CA LYS B 175 1.48 3.67 15.12
C LYS B 175 0.44 3.05 14.24
N TYR B 176 -0.39 2.18 14.81
CA TYR B 176 -1.42 1.48 14.09
C TYR B 176 -2.73 2.26 13.95
N ALA B 177 -3.45 1.99 12.86
CA ALA B 177 -4.76 2.57 12.57
C ALA B 177 -5.61 1.45 12.05
N ALA B 178 -6.90 1.47 12.41
CA ALA B 178 -7.91 0.51 11.95
C ALA B 178 -9.25 1.24 11.83
N SER B 179 -10.22 0.66 11.11
CA SER B 179 -11.55 1.24 10.89
C SER B 179 -12.54 0.13 11.05
N SER B 180 -13.72 0.47 11.55
CA SER B 180 -14.81 -0.46 11.70
C SER B 180 -16.08 0.22 11.23
N TYR B 181 -16.81 -0.45 10.34
CA TYR B 181 -18.07 0.05 9.77
C TYR B 181 -19.24 -0.83 10.17
N LEU B 182 -20.33 -0.20 10.66
CA LEU B 182 -21.57 -0.84 11.02
C LEU B 182 -22.61 -0.40 10.00
N SER B 183 -23.10 -1.34 9.18
CA SER B 183 -24.10 -1.04 8.15
C SER B 183 -25.50 -1.33 8.66
N LEU B 184 -26.36 -0.32 8.54
CA LEU B 184 -27.73 -0.30 9.02
C LEU B 184 -28.68 0.14 7.91
N THR B 185 -29.98 0.13 8.23
CA THR B 185 -31.06 0.66 7.40
C THR B 185 -31.47 1.97 8.10
N PRO B 186 -31.92 3.03 7.37
CA PRO B 186 -32.37 4.25 8.07
C PRO B 186 -33.42 4.00 9.18
N GLU B 187 -34.24 2.94 9.02
CA GLU B 187 -35.29 2.51 9.95
C GLU B 187 -34.65 2.00 11.26
N GLN B 188 -33.61 1.13 11.16
CA GLN B 188 -32.87 0.61 12.32
C GLN B 188 -32.21 1.76 13.09
N TRP B 189 -31.54 2.67 12.35
CA TRP B 189 -30.83 3.83 12.88
C TRP B 189 -31.75 4.77 13.67
N LYS B 190 -32.92 5.08 13.12
CA LYS B 190 -33.88 5.98 13.77
C LYS B 190 -34.65 5.32 14.94
N SER B 191 -34.73 3.96 14.96
CA SER B 191 -35.44 3.19 15.98
C SER B 191 -34.79 3.15 17.37
N HIS B 192 -33.43 3.11 17.43
CA HIS B 192 -32.70 3.05 18.69
C HIS B 192 -32.35 4.43 19.26
N ARG B 193 -32.09 4.49 20.59
CA ARG B 193 -31.76 5.73 21.31
C ARG B 193 -30.33 6.19 21.02
N SER B 194 -29.33 5.26 21.08
CA SER B 194 -27.92 5.56 20.83
C SER B 194 -27.10 4.30 20.55
N TYR B 195 -26.23 4.36 19.50
CA TYR B 195 -25.32 3.27 19.15
C TYR B 195 -23.93 3.58 19.70
N SER B 196 -23.15 2.53 19.98
CA SER B 196 -21.83 2.70 20.55
C SER B 196 -20.75 1.87 19.92
N CYS B 197 -19.57 2.49 19.75
CA CYS B 197 -18.38 1.80 19.29
C CYS B 197 -17.47 1.77 20.51
N GLN B 198 -17.01 0.58 20.88
CA GLN B 198 -16.12 0.40 22.03
C GLN B 198 -14.95 -0.44 21.61
N VAL B 199 -13.76 0.16 21.64
CA VAL B 199 -12.56 -0.55 21.21
C VAL B 199 -11.73 -0.92 22.43
N THR B 200 -11.23 -2.16 22.44
CA THR B 200 -10.42 -2.68 23.53
C THR B 200 -9.00 -2.82 23.07
N HIS B 201 -8.08 -2.30 23.84
CA HIS B 201 -6.65 -2.31 23.57
C HIS B 201 -5.96 -2.41 24.94
N GLU B 202 -5.21 -3.51 25.14
CA GLU B 202 -4.47 -3.84 26.37
C GLU B 202 -5.34 -3.79 27.62
N GLY B 203 -6.49 -4.46 27.53
CA GLY B 203 -7.48 -4.57 28.61
C GLY B 203 -8.28 -3.32 28.90
N SER B 204 -7.88 -2.16 28.33
CA SER B 204 -8.52 -0.86 28.53
C SER B 204 -9.46 -0.53 27.38
N THR B 205 -10.76 -0.40 27.70
CA THR B 205 -11.81 -0.10 26.74
C THR B 205 -12.19 1.39 26.69
N VAL B 206 -12.04 1.98 25.48
CA VAL B 206 -12.39 3.37 25.11
C VAL B 206 -13.70 3.22 24.36
N GLU B 207 -14.74 3.97 24.76
CA GLU B 207 -16.06 3.90 24.13
C GLU B 207 -16.53 5.28 23.65
N LYS B 208 -17.11 5.29 22.44
CA LYS B 208 -17.70 6.47 21.84
C LYS B 208 -19.16 6.14 21.51
N THR B 209 -20.06 7.11 21.67
CA THR B 209 -21.49 6.90 21.46
C THR B 209 -22.07 7.95 20.56
N VAL B 210 -23.01 7.54 19.71
CA VAL B 210 -23.64 8.47 18.80
C VAL B 210 -25.15 8.21 18.80
N ALA B 211 -25.95 9.23 18.47
CA ALA B 211 -27.40 9.15 18.53
C ALA B 211 -28.09 9.90 17.38
N PRO B 212 -29.34 9.50 17.00
CA PRO B 212 -30.05 10.20 15.91
C PRO B 212 -30.24 11.72 16.09
N THR B 213 -30.25 12.23 17.36
CA THR B 213 -30.34 13.64 17.80
C THR B 213 -31.03 14.57 16.78
#